data_3BNR
#
_entry.id   3BNR
#
_cell.length_a   71.189
_cell.length_b   77.380
_cell.length_c   56.322
_cell.angle_alpha   90.000
_cell.angle_beta   115.120
_cell.angle_gamma   90.000
#
_symmetry.space_group_name_H-M   'C 1 2 1'
#
loop_
_entity.id
_entity.type
_entity.pdbx_description
1 polymer 'A site of human mitochondrial ribosome, chain one'
2 polymer 'A site of human mitochondrial ribosome, chain two'
3 polymer 'A site of human mitochondrial ribosome, chain three'
4 non-polymer 'POTASSIUM ION'
5 non-polymer PAROMOMYCIN
6 water water
#
loop_
_entity_poly.entity_id
_entity_poly.type
_entity_poly.pdbx_seq_one_letter_code
_entity_poly.pdbx_strand_id
1 'polyribonucleotide' UUGCGUCACC(5BU)CGAGCAAGUCGC A,C
2 'polyribonucleotide' UGCGUCACC(5BU)CGAGCAAGUCGC B
3 'polyribonucleotide' GCGUCACC(5BU)CGAGCAAGUCGC D
#